data_9KXN
#
_entry.id   9KXN
#
_cell.length_a   70.700
_cell.length_b   70.700
_cell.length_c   81.040
_cell.angle_alpha   90.00
_cell.angle_beta   90.00
_cell.angle_gamma   120.00
#
_symmetry.space_group_name_H-M   'P 31 2 1'
#
loop_
_entity.id
_entity.type
_entity.pdbx_description
1 polymer 'Peptidyl-prolyl cis-trans isomerase NIMA-interacting 1'
2 non-polymer 5-methyl-1,2-oxazole-3-carbohydrazide
3 non-polymer 3,6,9,12,15,18,21-HEPTAOXATRICOSANE-1,23-DIOL
4 non-polymer 'SULFATE ION'
5 non-polymer 'CHLORIDE ION'
6 water water
#
_entity_poly.entity_id   1
_entity_poly.type   'polypeptide(L)'
_entity_poly.pdbx_seq_one_letter_code
;MADEEKLPPGWEKAMSRSSGRVYYFNHITNASQWERPSGNSSSGGKNGQGEPARVRCSHLLVKHSQSRRPSSWRQEKITR
TKEEALELINGYIQKIKSGEEDFESLASQFSDCSSAKARGDLGAFSRGQMQKPFEDASFALRTGEMSGPVFTDSGIHIIL
RTE
;
_entity_poly.pdbx_strand_id   A
#
loop_
_chem_comp.id
_chem_comp.type
_chem_comp.name
_chem_comp.formula
A1EHR non-polymer 5-methyl-1,2-oxazole-3-carbohydrazide 'C5 H7 N3 O2'
CL non-polymer 'CHLORIDE ION' 'Cl -1'
PE8 non-polymer 3,6,9,12,15,18,21-HEPTAOXATRICOSANE-1,23-DIOL 'C16 H34 O9'
SO4 non-polymer 'SULFATE ION' 'O4 S -2'
#
# COMPACT_ATOMS: atom_id res chain seq x y z
N LEU A 7 -19.12 1.95 -11.70
CA LEU A 7 -17.78 1.39 -11.48
C LEU A 7 -17.71 0.57 -10.19
N PRO A 8 -16.72 -0.31 -10.08
CA PRO A 8 -16.57 -1.16 -8.88
C PRO A 8 -16.43 -0.33 -7.61
N PRO A 9 -16.58 -0.96 -6.45
CA PRO A 9 -16.61 -0.20 -5.19
C PRO A 9 -15.39 0.70 -5.00
N GLY A 10 -15.65 1.98 -4.71
CA GLY A 10 -14.62 2.94 -4.39
C GLY A 10 -14.12 3.79 -5.54
N TRP A 11 -14.38 3.39 -6.78
CA TRP A 11 -13.82 4.06 -7.97
C TRP A 11 -14.64 5.27 -8.40
N GLU A 12 -13.95 6.32 -8.86
CA GLU A 12 -14.58 7.53 -9.40
C GLU A 12 -13.73 8.07 -10.53
N LYS A 13 -14.30 8.98 -11.34
CA LYS A 13 -13.62 9.68 -12.42
C LYS A 13 -13.05 11.02 -11.95
N ALA A 14 -11.99 11.47 -12.63
CA ALA A 14 -11.38 12.77 -12.39
C ALA A 14 -10.67 13.24 -13.65
N MET A 15 -10.16 14.49 -13.61
CA MET A 15 -9.42 15.08 -14.71
C MET A 15 -7.98 15.42 -14.30
N SER A 16 -7.03 15.03 -15.16
CA SER A 16 -5.64 15.37 -14.95
C SER A 16 -5.41 16.87 -15.04
N ARG A 17 -4.64 17.41 -14.08
CA ARG A 17 -4.32 18.84 -14.07
C ARG A 17 -3.38 19.22 -15.20
N SER A 18 -2.44 18.35 -15.54
CA SER A 18 -1.40 18.71 -16.49
C SER A 18 -1.71 18.32 -17.93
N SER A 19 -2.47 17.24 -18.14
CA SER A 19 -2.78 16.79 -19.50
C SER A 19 -4.22 17.08 -19.94
N GLY A 20 -5.15 17.23 -19.02
CA GLY A 20 -6.55 17.39 -19.40
C GLY A 20 -7.27 16.10 -19.72
N ARG A 21 -6.62 14.96 -19.59
CA ARG A 21 -7.20 13.66 -19.89
C ARG A 21 -7.86 13.05 -18.66
N VAL A 22 -8.96 12.31 -18.89
CA VAL A 22 -9.70 11.69 -17.79
C VAL A 22 -8.87 10.53 -17.21
N TYR A 23 -8.96 10.32 -15.90
CA TYR A 23 -8.34 9.15 -15.26
C TYR A 23 -9.29 8.61 -14.19
N TYR A 24 -8.90 7.52 -13.54
CA TYR A 24 -9.72 6.86 -12.52
C TYR A 24 -8.98 6.78 -11.19
N PHE A 25 -9.72 6.99 -10.08
CA PHE A 25 -9.21 7.05 -8.71
C PHE A 25 -10.11 6.29 -7.74
N ASN A 26 -9.51 5.59 -6.76
CA ASN A 26 -10.26 4.82 -5.76
C ASN A 26 -10.03 5.43 -4.38
N HIS A 27 -11.10 5.89 -3.72
CA HIS A 27 -10.95 6.58 -2.45
C HIS A 27 -10.85 5.64 -1.23
N ILE A 28 -10.91 4.32 -1.42
CA ILE A 28 -10.63 3.37 -0.34
C ILE A 28 -9.18 2.85 -0.40
N THR A 29 -8.65 2.58 -1.60
CA THR A 29 -7.31 2.04 -1.75
C THR A 29 -6.26 3.08 -2.12
N ASN A 30 -6.72 4.24 -2.62
CA ASN A 30 -5.92 5.37 -3.04
C ASN A 30 -5.15 5.06 -4.32
N ALA A 31 -5.57 4.05 -5.07
CA ALA A 31 -4.99 3.79 -6.39
C ALA A 31 -5.48 4.80 -7.43
N SER A 32 -4.63 5.08 -8.43
CA SER A 32 -5.01 5.92 -9.56
C SER A 32 -4.38 5.39 -10.85
N GLN A 33 -5.10 5.49 -11.98
CA GLN A 33 -4.65 4.90 -13.25
C GLN A 33 -5.40 5.54 -14.42
N TRP A 34 -4.80 5.46 -15.62
CA TRP A 34 -5.47 5.93 -16.84
C TRP A 34 -6.57 4.97 -17.30
N GLU A 35 -6.36 3.67 -17.12
CA GLU A 35 -7.24 2.64 -17.64
C GLU A 35 -8.50 2.44 -16.81
N ARG A 36 -9.60 2.20 -17.50
CA ARG A 36 -10.88 2.01 -16.83
C ARG A 36 -10.84 0.69 -16.03
N PRO A 37 -11.24 0.70 -14.76
CA PRO A 37 -11.04 -0.50 -13.91
C PRO A 37 -12.00 -1.62 -14.23
N SER A 38 -11.50 -2.85 -14.10
CA SER A 38 -12.33 -4.05 -14.23
C SER A 38 -13.14 -4.24 -12.95
N GLU A 51 -18.61 -10.37 -1.37
CA GLU A 51 -17.15 -10.29 -1.36
C GLU A 51 -16.60 -11.55 -0.69
N PRO A 52 -15.34 -11.90 -0.96
CA PRO A 52 -14.80 -13.17 -0.46
C PRO A 52 -14.66 -13.18 1.05
N ALA A 53 -14.67 -14.40 1.60
CA ALA A 53 -14.53 -14.57 3.04
C ALA A 53 -13.13 -14.21 3.52
N ARG A 54 -12.11 -14.50 2.70
CA ARG A 54 -10.73 -14.22 3.03
C ARG A 54 -9.98 -13.73 1.80
N VAL A 55 -8.92 -12.96 2.05
CA VAL A 55 -7.98 -12.55 1.01
C VAL A 55 -6.57 -12.82 1.54
N ARG A 56 -5.60 -12.88 0.64
CA ARG A 56 -4.20 -12.97 1.01
C ARG A 56 -3.47 -11.78 0.41
N CYS A 57 -2.65 -11.10 1.21
CA CYS A 57 -1.94 -9.89 0.77
C CYS A 57 -0.49 -9.90 1.24
N SER A 58 0.35 -9.15 0.53
CA SER A 58 1.66 -8.70 0.97
C SER A 58 1.64 -7.19 1.17
N HIS A 59 2.62 -6.65 1.92
CA HIS A 59 2.72 -5.21 2.09
C HIS A 59 4.16 -4.76 2.31
N LEU A 60 4.39 -3.46 2.13
CA LEU A 60 5.64 -2.75 2.42
C LEU A 60 5.28 -1.59 3.34
N LEU A 61 5.85 -1.56 4.56
CA LEU A 61 5.54 -0.55 5.57
C LEU A 61 6.70 0.44 5.71
N VAL A 62 6.39 1.74 5.73
CA VAL A 62 7.37 2.77 6.10
C VAL A 62 6.85 3.48 7.36
N LYS A 63 7.62 3.36 8.45
CA LYS A 63 7.22 3.94 9.74
C LYS A 63 7.72 5.37 9.86
N HIS A 64 7.19 6.10 10.86
CA HIS A 64 7.59 7.48 11.13
C HIS A 64 7.55 7.74 12.63
N SER A 65 7.86 8.98 13.02
CA SER A 65 8.04 9.26 14.44
C SER A 65 6.74 9.21 15.24
N GLN A 66 5.59 9.28 14.59
CA GLN A 66 4.30 9.19 15.27
C GLN A 66 3.68 7.79 15.18
N SER A 67 4.40 6.79 14.63
CA SER A 67 3.92 5.42 14.64
C SER A 67 3.72 4.92 16.07
N ARG A 68 2.78 3.98 16.22
CA ARG A 68 2.49 3.41 17.54
C ARG A 68 3.75 2.88 18.23
N ARG A 69 4.63 2.21 17.47
CA ARG A 69 5.92 1.76 17.98
C ARG A 69 7.02 2.25 17.03
N PRO A 70 7.68 3.38 17.33
CA PRO A 70 8.68 3.95 16.40
C PRO A 70 10.03 3.23 16.46
N SER A 71 10.03 1.95 16.04
CA SER A 71 11.18 1.07 16.08
C SER A 71 10.96 -0.09 15.11
N SER A 72 12.05 -0.65 14.58
CA SER A 72 11.96 -1.76 13.63
C SER A 72 13.30 -2.51 13.53
N TRP A 73 13.27 -3.63 12.78
CA TRP A 73 14.50 -4.39 12.54
C TRP A 73 15.52 -3.60 11.74
N ARG A 74 15.10 -2.56 11.01
CA ARG A 74 16.04 -1.71 10.27
C ARG A 74 16.69 -0.66 11.16
N GLN A 75 16.01 -0.18 12.19
CA GLN A 75 16.41 1.03 12.92
C GLN A 75 15.88 0.98 14.35
N GLU A 76 16.79 1.06 15.34
CA GLU A 76 16.35 1.00 16.74
C GLU A 76 15.46 2.19 17.08
N LYS A 77 15.80 3.38 16.60
CA LYS A 77 15.02 4.61 16.82
C LYS A 77 14.63 5.20 15.47
N ILE A 78 13.36 5.13 15.12
CA ILE A 78 12.85 5.73 13.89
C ILE A 78 12.47 7.18 14.13
N THR A 79 13.08 8.09 13.38
CA THR A 79 12.98 9.52 13.61
C THR A 79 12.44 10.33 12.44
N ARG A 80 12.23 9.73 11.26
CA ARG A 80 11.76 10.48 10.11
C ARG A 80 10.34 10.98 10.34
N THR A 81 10.00 12.08 9.67
CA THR A 81 8.67 12.68 9.80
C THR A 81 7.64 11.94 8.94
N LYS A 82 6.36 12.18 9.24
CA LYS A 82 5.29 11.61 8.43
C LYS A 82 5.39 12.05 6.97
N GLU A 83 5.77 13.30 6.75
CA GLU A 83 5.92 13.82 5.38
C GLU A 83 7.08 13.14 4.66
N GLU A 84 8.18 12.89 5.36
CA GLU A 84 9.34 12.20 4.78
C GLU A 84 8.99 10.74 4.44
N ALA A 85 8.20 10.09 5.28
CA ALA A 85 7.78 8.71 5.02
C ALA A 85 6.89 8.62 3.78
N LEU A 86 5.98 9.58 3.60
CA LEU A 86 5.13 9.57 2.41
C LEU A 86 5.96 9.77 1.14
N GLU A 87 7.03 10.57 1.20
CA GLU A 87 7.86 10.77 0.02
C GLU A 87 8.58 9.47 -0.38
N LEU A 88 9.02 8.69 0.61
CA LEU A 88 9.63 7.39 0.34
C LEU A 88 8.64 6.43 -0.30
N ILE A 89 7.42 6.37 0.24
CA ILE A 89 6.39 5.49 -0.34
C ILE A 89 6.11 5.89 -1.79
N ASN A 90 6.00 7.20 -2.07
CA ASN A 90 5.71 7.65 -3.43
C ASN A 90 6.80 7.21 -4.41
N GLY A 91 8.07 7.23 -3.98
CA GLY A 91 9.15 6.84 -4.86
C GLY A 91 9.22 5.34 -5.12
N TYR A 92 8.89 4.52 -4.10
CA TYR A 92 8.78 3.08 -4.32
C TYR A 92 7.66 2.75 -5.31
N ILE A 93 6.50 3.41 -5.17
CA ILE A 93 5.42 3.19 -6.16
C ILE A 93 5.89 3.52 -7.57
N GLN A 94 6.60 4.64 -7.76
CA GLN A 94 7.10 4.98 -9.10
C GLN A 94 7.98 3.89 -9.70
N LYS A 95 8.90 3.32 -8.92
CA LYS A 95 9.80 2.28 -9.42
C LYS A 95 9.05 0.97 -9.72
N ILE A 96 8.04 0.64 -8.92
CA ILE A 96 7.25 -0.56 -9.19
C ILE A 96 6.46 -0.41 -10.49
N LYS A 97 5.83 0.75 -10.69
CA LYS A 97 4.99 0.98 -11.88
C LYS A 97 5.82 1.05 -13.17
N SER A 98 7.06 1.53 -13.11
CA SER A 98 7.87 1.61 -14.32
C SER A 98 8.59 0.30 -14.65
N GLY A 99 8.57 -0.66 -13.74
CA GLY A 99 9.29 -1.91 -13.91
C GLY A 99 10.76 -1.87 -13.54
N GLU A 100 11.27 -0.72 -13.08
CA GLU A 100 12.65 -0.64 -12.62
C GLU A 100 12.91 -1.60 -11.46
N GLU A 101 11.92 -1.81 -10.59
CA GLU A 101 12.08 -2.68 -9.44
C GLU A 101 10.80 -3.47 -9.22
N ASP A 102 10.92 -4.66 -8.61
CA ASP A 102 9.81 -5.52 -8.26
C ASP A 102 9.33 -5.21 -6.83
N PHE A 103 8.02 -5.34 -6.61
CA PHE A 103 7.47 -5.15 -5.26
C PHE A 103 8.19 -6.01 -4.22
N GLU A 104 8.39 -7.30 -4.54
CA GLU A 104 9.00 -8.23 -3.58
C GLU A 104 10.41 -7.81 -3.19
N SER A 105 11.19 -7.33 -4.16
CA SER A 105 12.55 -6.91 -3.90
C SER A 105 12.59 -5.71 -2.96
N LEU A 106 11.75 -4.70 -3.22
CA LEU A 106 11.71 -3.51 -2.36
C LEU A 106 11.22 -3.85 -0.95
N ALA A 107 10.27 -4.78 -0.83
CA ALA A 107 9.78 -5.09 0.52
C ALA A 107 10.86 -5.78 1.35
N SER A 108 11.62 -6.70 0.73
CA SER A 108 12.66 -7.42 1.45
C SER A 108 13.76 -6.48 1.95
N GLN A 109 14.08 -5.46 1.16
CA GLN A 109 15.15 -4.54 1.51
C GLN A 109 14.71 -3.41 2.44
N PHE A 110 13.46 -2.92 2.33
CA PHE A 110 13.11 -1.63 2.94
C PHE A 110 11.86 -1.59 3.83
N SER A 111 11.06 -2.66 3.90
CA SER A 111 9.89 -2.61 4.78
C SER A 111 10.30 -2.61 6.27
N ASP A 112 9.62 -1.77 7.07
CA ASP A 112 9.84 -1.67 8.50
C ASP A 112 9.03 -2.71 9.29
N CYS A 113 8.46 -3.71 8.62
CA CYS A 113 7.74 -4.81 9.25
C CYS A 113 8.59 -6.08 9.27
N SER A 114 8.39 -6.91 10.31
CA SER A 114 9.12 -8.18 10.36
C SER A 114 8.76 -9.09 9.19
N SER A 115 7.66 -8.82 8.48
CA SER A 115 7.28 -9.64 7.33
C SER A 115 8.14 -9.39 6.11
N ALA A 116 9.05 -8.40 6.14
CA ALA A 116 10.03 -8.23 5.08
C ALA A 116 10.75 -9.54 4.80
N LYS A 117 10.71 -10.42 5.80
CA LYS A 117 11.48 -11.62 5.94
C LYS A 117 11.01 -12.60 4.86
N ALA A 118 9.73 -12.46 4.51
CA ALA A 118 8.96 -13.32 3.64
C ALA A 118 8.48 -12.54 2.41
N ARG A 119 9.32 -11.61 1.92
CA ARG A 119 8.96 -10.74 0.78
C ARG A 119 7.64 -10.00 1.03
N GLY A 120 7.32 -9.72 2.29
CA GLY A 120 6.15 -8.94 2.64
C GLY A 120 4.86 -9.70 2.85
N ASP A 121 4.86 -11.02 2.62
CA ASP A 121 3.65 -11.84 2.71
C ASP A 121 3.10 -11.91 4.14
N LEU A 122 1.79 -11.67 4.27
CA LEU A 122 1.08 -11.74 5.55
C LEU A 122 0.22 -12.99 5.70
N GLY A 123 0.05 -13.78 4.63
CA GLY A 123 -0.87 -14.91 4.69
C GLY A 123 -2.31 -14.47 4.51
N ALA A 124 -3.22 -15.42 4.71
CA ALA A 124 -4.63 -15.13 4.49
C ALA A 124 -5.29 -14.63 5.77
N PHE A 125 -6.34 -13.81 5.61
CA PHE A 125 -7.04 -13.26 6.77
C PHE A 125 -8.47 -12.87 6.42
N SER A 126 -9.26 -12.67 7.46
CA SER A 126 -10.69 -12.37 7.43
C SER A 126 -10.94 -10.95 7.89
N ARG A 127 -12.15 -10.45 7.65
CA ARG A 127 -12.59 -9.20 8.26
C ARG A 127 -12.67 -9.38 9.77
N GLY A 128 -12.17 -8.38 10.50
CA GLY A 128 -12.12 -8.44 11.95
C GLY A 128 -10.75 -8.70 12.56
N GLN A 129 -9.70 -8.88 11.76
CA GLN A 129 -8.36 -9.15 12.29
C GLN A 129 -7.36 -8.00 12.10
N MET A 130 -7.37 -7.30 10.97
CA MET A 130 -6.40 -6.24 10.72
C MET A 130 -6.97 -4.88 11.12
N GLN A 131 -6.09 -3.87 11.17
CA GLN A 131 -6.55 -2.50 11.40
C GLN A 131 -7.49 -2.07 10.28
N LYS A 132 -8.50 -1.27 10.64
CA LYS A 132 -9.63 -1.08 9.73
C LYS A 132 -9.27 -0.45 8.37
N PRO A 133 -8.41 0.57 8.25
CA PRO A 133 -8.11 1.08 6.89
C PRO A 133 -7.34 0.09 6.02
N PHE A 134 -6.49 -0.73 6.64
CA PHE A 134 -5.80 -1.82 5.93
C PHE A 134 -6.79 -2.89 5.49
N GLU A 135 -7.72 -3.27 6.37
CA GLU A 135 -8.74 -4.26 6.02
C GLU A 135 -9.61 -3.77 4.87
N ASP A 136 -10.06 -2.51 4.93
CA ASP A 136 -10.93 -1.99 3.86
C ASP A 136 -10.22 -1.94 2.52
N ALA A 137 -8.94 -1.51 2.50
CA ALA A 137 -8.21 -1.47 1.24
C ALA A 137 -7.98 -2.87 0.68
N SER A 138 -7.58 -3.81 1.54
CA SER A 138 -7.32 -5.18 1.09
C SER A 138 -8.54 -5.79 0.41
N PHE A 139 -9.72 -5.62 1.00
CA PHE A 139 -10.93 -6.24 0.45
C PHE A 139 -11.51 -5.47 -0.75
N ALA A 140 -11.07 -4.22 -1.00
CA ALA A 140 -11.47 -3.49 -2.20
C ALA A 140 -10.54 -3.73 -3.38
N LEU A 141 -9.37 -4.34 -3.15
CA LEU A 141 -8.49 -4.70 -4.25
C LEU A 141 -8.98 -5.96 -4.95
N ARG A 142 -8.68 -6.06 -6.23
CA ARG A 142 -8.89 -7.28 -7.01
C ARG A 142 -7.60 -8.10 -6.94
N THR A 143 -7.72 -9.42 -7.15
CA THR A 143 -6.52 -10.24 -7.21
C THR A 143 -5.58 -9.72 -8.29
N GLY A 144 -4.34 -9.43 -7.93
CA GLY A 144 -3.35 -8.87 -8.83
C GLY A 144 -3.10 -7.39 -8.68
N GLU A 145 -4.01 -6.65 -8.04
CA GLU A 145 -3.99 -5.19 -7.95
C GLU A 145 -3.16 -4.70 -6.76
N MET A 146 -2.68 -3.46 -6.88
CA MET A 146 -1.88 -2.77 -5.86
C MET A 146 -2.56 -1.47 -5.44
N SER A 147 -2.46 -1.14 -4.15
CA SER A 147 -2.99 0.09 -3.58
C SER A 147 -2.04 1.27 -3.81
N GLY A 148 -2.52 2.48 -3.51
CA GLY A 148 -1.64 3.61 -3.31
C GLY A 148 -1.27 3.68 -1.83
N PRO A 149 -0.81 4.84 -1.35
CA PRO A 149 -0.50 4.96 0.08
C PRO A 149 -1.74 4.76 0.97
N VAL A 150 -1.61 3.88 1.98
CA VAL A 150 -2.66 3.59 2.96
C VAL A 150 -2.14 3.89 4.38
N PHE A 151 -2.89 4.72 5.12
CA PHE A 151 -2.46 5.22 6.43
C PHE A 151 -3.12 4.44 7.57
N THR A 152 -2.31 3.97 8.53
CA THR A 152 -2.81 3.34 9.76
C THR A 152 -2.03 3.86 10.97
N ASP A 153 -2.37 3.38 12.18
CA ASP A 153 -1.56 3.73 13.34
C ASP A 153 -0.14 3.17 13.28
N SER A 154 0.14 2.18 12.43
CA SER A 154 1.51 1.67 12.33
C SER A 154 2.40 2.54 11.46
N GLY A 155 1.83 3.25 10.50
CA GLY A 155 2.62 4.02 9.53
C GLY A 155 1.87 4.11 8.19
N ILE A 156 2.64 4.02 7.10
CA ILE A 156 2.13 4.14 5.72
C ILE A 156 2.51 2.87 4.96
N HIS A 157 1.54 2.31 4.22
CA HIS A 157 1.66 0.99 3.59
C HIS A 157 1.45 1.05 2.07
N ILE A 158 2.11 0.15 1.33
CA ILE A 158 1.72 -0.26 -0.03
C ILE A 158 1.26 -1.72 0.05
N ILE A 159 0.05 -2.02 -0.47
CA ILE A 159 -0.57 -3.34 -0.31
C ILE A 159 -0.76 -4.00 -1.69
N LEU A 160 -0.35 -5.28 -1.80
CA LEU A 160 -0.52 -6.11 -2.99
C LEU A 160 -1.40 -7.32 -2.65
N ARG A 161 -2.55 -7.46 -3.31
CA ARG A 161 -3.42 -8.62 -3.10
C ARG A 161 -2.97 -9.76 -4.01
N THR A 162 -2.64 -10.92 -3.40
CA THR A 162 -2.15 -12.08 -4.13
C THR A 162 -3.18 -13.19 -4.30
N GLU A 163 -4.17 -13.29 -3.42
CA GLU A 163 -5.24 -14.30 -3.53
C GLU A 163 -6.57 -13.76 -3.02
N1 A1EHR B . -4.74 -1.88 -16.60
N3 A1EHR B . -8.65 -3.22 -16.20
C4 A1EHR B . -5.35 -1.68 -15.47
C5 A1EHR B . -6.73 -2.16 -15.23
C1 A1EHR B . -2.11 -0.08 -14.89
C2 A1EHR B . -3.39 -0.75 -15.23
C3 A1EHR B . -4.55 -0.97 -14.58
N2 A1EHR B . -7.32 -2.74 -16.28
O1 A1EHR B . -3.48 -1.29 -16.46
O2 A1EHR B . -7.28 -2.02 -14.15
O1 PE8 C . -2.01 3.33 -8.11
C2 PE8 C . -1.24 3.65 -6.96
C3 PE8 C . -0.89 5.10 -6.91
O4 PE8 C . 0.01 5.44 -7.97
C5 PE8 C . 0.43 6.80 -7.89
C6 PE8 C . 1.37 7.08 -9.02
O7 PE8 C . 0.82 6.68 -10.29
C8 PE8 C . 1.64 7.16 -11.37
C9 PE8 C . 1.03 6.79 -12.70
O10 PE8 C . -0.25 7.38 -12.78
C11 PE8 C . -0.91 7.18 -14.03
C12 PE8 C . -2.29 7.73 -13.98
O13 PE8 C . -2.22 9.12 -13.75
C14 PE8 C . -3.50 9.75 -13.68
C15 PE8 C . -3.34 11.15 -13.24
O16 PE8 C . -2.91 11.15 -11.88
C17 PE8 C . -3.25 12.35 -11.21
C18 PE8 C . -2.26 12.43 -10.13
O19 PE8 C . -2.84 11.92 -8.93
C20 PE8 C . -2.01 10.98 -8.26
C21 PE8 C . -0.59 11.19 -8.60
O22 PE8 C . 0.19 10.68 -7.52
C23 PE8 C . 1.18 11.62 -7.13
C24 PE8 C . 0.81 12.29 -5.83
O25 PE8 C . -0.16 13.34 -5.97
S SO4 D . 3.51 -1.36 15.31
O1 SO4 D . 2.67 -2.04 14.33
O2 SO4 D . 3.42 0.09 15.13
O3 SO4 D . 3.06 -1.71 16.65
O4 SO4 D . 4.89 -1.81 15.13
CL CL E . -10.75 -10.91 -7.86
#